data_1H1Z
#
_entry.id   1H1Z
#
_cell.length_a   41.810
_cell.length_b   73.070
_cell.length_c   90.220
_cell.angle_alpha   90.00
_cell.angle_beta   101.84
_cell.angle_gamma   90.00
#
_symmetry.space_group_name_H-M   'P 1 21 1'
#
loop_
_entity.id
_entity.type
_entity.pdbx_description
1 polymer 'D-RIBULOSE-5-PHOSPHATE 3-EPIMERASE'
2 non-polymer 'ZINC ION'
3 non-polymer 'SULFATE ION'
#
_entity_poly.entity_id   1
_entity_poly.type   'polypeptide(L)'
_entity_poly.pdbx_seq_one_letter_code
;MAAAAAAKIAPSMLSSDFANLAAEADRMVRLGADWLHMDIMDGHFVPNLTIGAPVIQSLRKHTKAYLDCHLMVTNPSDYV
EPLAKAGASGFTFHIEVSRDNWQELIQSIKAKGMRPGVSLRPGTPVEEVFPLVEAENPVELVLVMTVEPGFGGQKFMPEM
MEKVRALRKKYPSLDIEVDGGLGPSTIDVAASAGANCIVAGSSIFGAAEPGEVISALRKSVEGSQNKS
;
_entity_poly.pdbx_strand_id   A,B
#
# COMPACT_ATOMS: atom_id res chain seq x y z
N ALA A 6 -19.11 -17.18 17.73
CA ALA A 6 -19.87 -16.91 16.46
C ALA A 6 -18.94 -17.08 15.26
N ALA A 7 -19.50 -17.57 14.16
CA ALA A 7 -18.69 -17.77 12.96
C ALA A 7 -18.47 -16.46 12.23
N LYS A 8 -17.30 -16.32 11.63
CA LYS A 8 -16.94 -15.11 10.87
C LYS A 8 -16.05 -15.48 9.70
N ILE A 9 -16.56 -15.23 8.49
CA ILE A 9 -15.83 -15.51 7.25
C ILE A 9 -15.40 -14.18 6.62
N ALA A 10 -14.13 -13.83 6.79
CA ALA A 10 -13.63 -12.59 6.24
C ALA A 10 -12.66 -12.83 5.08
N PRO A 11 -13.07 -12.45 3.86
CA PRO A 11 -12.25 -12.61 2.66
C PRO A 11 -11.03 -11.70 2.82
N SER A 12 -9.91 -12.12 2.23
CA SER A 12 -8.71 -11.31 2.31
C SER A 12 -8.62 -10.48 1.03
N MET A 13 -9.04 -9.22 1.13
CA MET A 13 -9.03 -8.30 0.00
C MET A 13 -7.70 -8.26 -0.77
N LEU A 14 -6.68 -8.86 -0.17
CA LEU A 14 -5.35 -8.92 -0.76
C LEU A 14 -5.37 -9.72 -2.04
N SER A 15 -6.31 -10.64 -2.15
CA SER A 15 -6.42 -11.46 -3.34
C SER A 15 -7.46 -10.94 -4.31
N SER A 16 -7.90 -9.72 -4.10
CA SER A 16 -8.91 -9.15 -4.97
C SER A 16 -8.34 -8.18 -6.01
N ASP A 17 -9.24 -7.65 -6.82
CA ASP A 17 -8.90 -6.70 -7.87
C ASP A 17 -8.72 -5.36 -7.18
N PHE A 18 -7.48 -5.03 -6.83
CA PHE A 18 -7.21 -3.78 -6.14
C PHE A 18 -7.66 -2.53 -6.87
N ALA A 19 -7.69 -2.60 -8.20
CA ALA A 19 -8.13 -1.47 -8.99
C ALA A 19 -9.63 -1.23 -8.76
N ASN A 20 -10.30 -2.23 -8.20
CA ASN A 20 -11.73 -2.15 -7.94
C ASN A 20 -12.17 -2.50 -6.53
N LEU A 21 -11.41 -2.09 -5.51
CA LEU A 21 -11.77 -2.38 -4.13
C LEU A 21 -13.25 -2.14 -3.82
N ALA A 22 -13.69 -0.90 -4.04
CA ALA A 22 -15.08 -0.55 -3.78
C ALA A 22 -15.97 -1.65 -4.33
N ALA A 23 -15.77 -1.98 -5.61
CA ALA A 23 -16.55 -3.03 -6.23
C ALA A 23 -16.41 -4.33 -5.43
N GLU A 24 -15.23 -4.94 -5.49
CA GLU A 24 -14.92 -6.18 -4.79
C GLU A 24 -15.49 -6.29 -3.39
N ALA A 25 -15.30 -5.24 -2.60
CA ALA A 25 -15.78 -5.20 -1.22
C ALA A 25 -17.29 -5.40 -1.15
N ASP A 26 -18.00 -4.62 -1.94
CA ASP A 26 -19.46 -4.70 -2.00
C ASP A 26 -19.93 -6.06 -2.51
N ARG A 27 -19.14 -6.67 -3.38
CA ARG A 27 -19.49 -7.97 -3.92
C ARG A 27 -19.35 -9.09 -2.89
N MET A 28 -18.38 -8.96 -1.99
CA MET A 28 -18.18 -9.97 -0.97
C MET A 28 -19.29 -9.99 0.07
N VAL A 29 -19.81 -8.82 0.42
CA VAL A 29 -20.90 -8.73 1.39
C VAL A 29 -22.11 -9.39 0.77
N ARG A 30 -22.37 -9.00 -0.47
CA ARG A 30 -23.48 -9.54 -1.23
C ARG A 30 -23.42 -11.06 -1.13
N LEU A 31 -22.24 -11.62 -1.36
CA LEU A 31 -22.02 -13.07 -1.30
C LEU A 31 -21.90 -13.67 0.11
N GLY A 32 -21.90 -12.81 1.13
CA GLY A 32 -21.85 -13.33 2.49
C GLY A 32 -20.70 -12.91 3.39
N ALA A 33 -19.80 -12.10 2.87
CA ALA A 33 -18.66 -11.65 3.66
C ALA A 33 -19.09 -11.03 4.98
N ASP A 34 -18.62 -11.58 6.09
CA ASP A 34 -18.96 -11.03 7.40
C ASP A 34 -18.06 -9.83 7.61
N TRP A 35 -16.77 -10.02 7.33
CA TRP A 35 -15.76 -8.97 7.45
C TRP A 35 -14.92 -8.96 6.18
N LEU A 36 -14.04 -7.97 6.09
CA LEU A 36 -13.13 -7.81 4.96
C LEU A 36 -11.74 -7.77 5.57
N HIS A 37 -10.92 -8.78 5.31
CA HIS A 37 -9.59 -8.81 5.88
C HIS A 37 -8.61 -7.95 5.07
N MET A 38 -8.06 -6.94 5.73
CA MET A 38 -7.11 -6.01 5.13
C MET A 38 -5.68 -6.24 5.64
N ASP A 39 -4.78 -6.70 4.77
CA ASP A 39 -3.41 -6.91 5.22
C ASP A 39 -2.53 -5.72 4.85
N ILE A 40 -2.10 -5.02 5.89
CA ILE A 40 -1.26 -3.83 5.77
C ILE A 40 0.20 -4.19 6.06
N MET A 41 1.05 -4.22 5.03
CA MET A 41 2.47 -4.59 5.22
C MET A 41 3.45 -3.49 4.75
N ASP A 42 4.41 -3.15 5.60
CA ASP A 42 5.36 -2.10 5.23
C ASP A 42 6.67 -2.54 4.62
N GLY A 43 6.76 -3.80 4.20
CA GLY A 43 8.00 -4.28 3.58
C GLY A 43 9.19 -4.45 4.51
N HIS A 44 9.09 -3.95 5.73
CA HIS A 44 10.18 -4.08 6.72
C HIS A 44 9.96 -5.23 7.71
N PHE A 45 8.69 -5.46 8.08
CA PHE A 45 8.37 -6.55 8.99
C PHE A 45 8.29 -7.82 8.15
N VAL A 46 7.92 -7.66 6.89
CA VAL A 46 7.82 -8.76 5.93
C VAL A 46 8.25 -8.23 4.58
N PRO A 47 9.03 -9.01 3.82
CA PRO A 47 9.50 -8.56 2.51
C PRO A 47 8.37 -8.28 1.53
N ASN A 48 7.48 -7.36 1.90
CA ASN A 48 6.38 -7.00 1.03
C ASN A 48 5.61 -5.78 1.51
N LEU A 49 5.18 -4.94 0.57
CA LEU A 49 4.45 -3.73 0.90
C LEU A 49 3.14 -3.80 0.12
N THR A 50 2.03 -3.76 0.84
CA THR A 50 0.71 -3.84 0.23
C THR A 50 -0.06 -2.53 0.20
N ILE A 51 -0.81 -2.27 1.27
CA ILE A 51 -1.62 -1.07 1.38
C ILE A 51 -1.52 -0.46 2.78
N GLY A 52 -1.79 0.85 2.86
CA GLY A 52 -1.70 1.56 4.13
C GLY A 52 -2.99 2.24 4.50
N ALA A 53 -2.94 3.16 5.46
CA ALA A 53 -4.13 3.88 5.93
C ALA A 53 -4.93 4.51 4.81
N PRO A 54 -4.31 5.43 4.04
CA PRO A 54 -5.01 6.09 2.94
C PRO A 54 -6.03 5.19 2.26
N VAL A 55 -5.58 4.02 1.82
CA VAL A 55 -6.46 3.06 1.16
C VAL A 55 -7.67 2.83 2.04
N ILE A 56 -7.43 2.22 3.19
CA ILE A 56 -8.49 1.93 4.16
C ILE A 56 -9.50 3.05 4.22
N GLN A 57 -9.00 4.28 4.33
CA GLN A 57 -9.88 5.44 4.41
C GLN A 57 -10.83 5.56 3.21
N SER A 58 -10.27 5.63 2.02
CA SER A 58 -11.09 5.77 0.82
C SER A 58 -12.14 4.67 0.73
N LEU A 59 -11.79 3.49 1.19
CA LEU A 59 -12.69 2.36 1.15
C LEU A 59 -13.85 2.52 2.14
N ARG A 60 -13.61 3.21 3.25
CA ARG A 60 -14.64 3.40 4.26
C ARG A 60 -15.76 4.30 3.75
N LYS A 61 -15.42 5.15 2.79
CA LYS A 61 -16.38 6.07 2.21
C LYS A 61 -17.32 5.35 1.24
N HIS A 62 -17.14 4.04 1.08
CA HIS A 62 -17.97 3.27 0.18
C HIS A 62 -18.71 2.10 0.83
N THR A 63 -18.21 1.59 1.96
CA THR A 63 -18.91 0.48 2.60
C THR A 63 -18.88 0.52 4.12
N LYS A 64 -19.95 0.04 4.72
CA LYS A 64 -20.08 0.02 6.18
C LYS A 64 -19.61 -1.31 6.78
N ALA A 65 -19.15 -2.22 5.92
CA ALA A 65 -18.68 -3.51 6.36
C ALA A 65 -17.60 -3.39 7.43
N TYR A 66 -17.39 -4.48 8.16
CA TYR A 66 -16.38 -4.54 9.21
C TYR A 66 -15.03 -4.64 8.52
N LEU A 67 -14.13 -3.71 8.82
CA LEU A 67 -12.80 -3.77 8.23
C LEU A 67 -11.79 -4.35 9.22
N ASP A 68 -11.47 -5.64 9.06
CA ASP A 68 -10.51 -6.30 9.95
C ASP A 68 -9.08 -6.01 9.51
N CYS A 69 -8.43 -5.08 10.20
CA CYS A 69 -7.08 -4.72 9.83
C CYS A 69 -5.98 -5.46 10.57
N HIS A 70 -5.23 -6.21 9.80
CA HIS A 70 -4.12 -7.03 10.26
C HIS A 70 -2.85 -6.20 10.01
N LEU A 71 -2.30 -5.64 11.09
CA LEU A 71 -1.12 -4.80 10.99
C LEU A 71 0.23 -5.48 10.98
N MET A 72 0.73 -5.81 9.79
CA MET A 72 2.05 -6.43 9.67
C MET A 72 3.09 -5.36 9.39
N VAL A 73 3.32 -4.53 10.39
CA VAL A 73 4.27 -3.43 10.31
C VAL A 73 5.19 -3.55 11.51
N THR A 74 6.18 -2.68 11.61
CA THR A 74 7.10 -2.75 12.74
C THR A 74 6.69 -1.74 13.78
N ASN A 75 6.28 -0.56 13.33
CA ASN A 75 5.87 0.51 14.24
C ASN A 75 4.35 0.64 14.24
N PRO A 76 3.64 -0.37 14.80
CA PRO A 76 2.17 -0.41 14.89
C PRO A 76 1.57 0.75 15.63
N SER A 77 2.11 1.08 16.79
CA SER A 77 1.58 2.20 17.57
C SER A 77 1.38 3.41 16.68
N ASP A 78 2.25 3.57 15.68
CA ASP A 78 2.18 4.72 14.78
C ASP A 78 1.08 4.65 13.73
N TYR A 79 0.30 3.57 13.73
CA TYR A 79 -0.77 3.42 12.75
C TYR A 79 -2.12 3.52 13.42
N VAL A 80 -2.13 3.36 14.74
CA VAL A 80 -3.37 3.43 15.53
C VAL A 80 -4.19 4.69 15.25
N GLU A 81 -3.52 5.85 15.30
CA GLU A 81 -4.18 7.11 15.06
C GLU A 81 -4.76 7.20 13.63
N PRO A 82 -3.93 7.01 12.60
CA PRO A 82 -4.41 7.07 11.21
C PRO A 82 -5.50 6.06 10.85
N LEU A 83 -5.32 4.79 11.24
CA LEU A 83 -6.32 3.78 10.91
C LEU A 83 -7.65 4.09 11.55
N ALA A 84 -7.62 4.63 12.75
CA ALA A 84 -8.85 4.98 13.46
C ALA A 84 -9.61 5.98 12.59
N LYS A 85 -8.94 7.06 12.23
CA LYS A 85 -9.56 8.08 11.42
C LYS A 85 -10.03 7.45 10.12
N ALA A 86 -9.20 6.62 9.53
CA ALA A 86 -9.56 5.96 8.28
C ALA A 86 -10.89 5.23 8.41
N GLY A 87 -11.12 4.64 9.59
CA GLY A 87 -12.37 3.93 9.81
C GLY A 87 -12.24 2.44 9.98
N ALA A 88 -11.05 1.97 10.35
CA ALA A 88 -10.84 0.53 10.56
C ALA A 88 -11.75 0.04 11.68
N SER A 89 -12.29 -1.16 11.53
CA SER A 89 -13.16 -1.72 12.54
C SER A 89 -12.36 -2.55 13.52
N GLY A 90 -11.40 -3.29 13.00
CA GLY A 90 -10.55 -4.13 13.81
C GLY A 90 -9.08 -3.82 13.62
N PHE A 91 -8.36 -3.71 14.70
CA PHE A 91 -6.94 -3.43 14.65
C PHE A 91 -6.25 -4.65 15.27
N THR A 92 -5.40 -5.33 14.50
CA THR A 92 -4.68 -6.50 15.02
C THR A 92 -3.18 -6.34 14.87
N PHE A 93 -2.45 -6.35 15.99
CA PHE A 93 -1.00 -6.20 15.95
C PHE A 93 -0.23 -7.50 16.17
N HIS A 94 1.08 -7.43 15.94
CA HIS A 94 1.95 -8.60 16.08
C HIS A 94 2.78 -8.67 17.35
N ILE A 95 2.55 -9.73 18.09
CA ILE A 95 3.24 -9.94 19.35
C ILE A 95 4.74 -9.77 19.25
N GLU A 96 5.32 -10.10 18.11
CA GLU A 96 6.76 -9.97 17.91
C GLU A 96 7.25 -8.55 18.14
N VAL A 97 6.71 -7.60 17.41
CA VAL A 97 7.13 -6.21 17.55
C VAL A 97 6.39 -5.46 18.67
N SER A 98 5.31 -6.05 19.15
CA SER A 98 4.52 -5.40 20.19
C SER A 98 5.03 -5.74 21.57
N ARG A 99 6.22 -6.31 21.63
CA ARG A 99 6.80 -6.69 22.91
C ARG A 99 7.15 -5.48 23.79
N ASP A 100 6.46 -5.41 24.93
CA ASP A 100 6.66 -4.35 25.93
C ASP A 100 5.65 -3.17 25.94
N ASN A 101 4.63 -3.23 25.10
CA ASN A 101 3.64 -2.15 25.09
C ASN A 101 2.26 -2.68 24.82
N TRP A 102 2.16 -3.99 24.66
CA TRP A 102 0.88 -4.59 24.39
C TRP A 102 -0.20 -4.02 25.32
N GLN A 103 0.16 -3.80 26.59
CA GLN A 103 -0.81 -3.24 27.51
C GLN A 103 -1.22 -1.84 27.12
N GLU A 104 -0.25 -1.00 26.78
CA GLU A 104 -0.56 0.37 26.40
C GLU A 104 -1.22 0.38 25.04
N LEU A 105 -0.70 -0.46 24.15
CA LEU A 105 -1.18 -0.55 22.78
C LEU A 105 -2.65 -0.94 22.73
N ILE A 106 -2.99 -2.06 23.34
CA ILE A 106 -4.36 -2.55 23.36
C ILE A 106 -5.27 -1.44 23.86
N GLN A 107 -4.78 -0.60 24.76
CA GLN A 107 -5.60 0.47 25.29
C GLN A 107 -5.80 1.61 24.32
N SER A 108 -4.74 1.96 23.60
CA SER A 108 -4.81 3.02 22.59
C SER A 108 -5.81 2.60 21.53
N ILE A 109 -5.68 1.37 21.05
CA ILE A 109 -6.56 0.83 20.04
C ILE A 109 -7.99 0.90 20.52
N LYS A 110 -8.24 0.27 21.66
CA LYS A 110 -9.57 0.22 22.24
C LYS A 110 -10.16 1.63 22.39
N ALA A 111 -9.43 2.52 23.05
CA ALA A 111 -9.87 3.90 23.27
C ALA A 111 -10.20 4.66 21.99
N LYS A 112 -9.92 4.06 20.84
CA LYS A 112 -10.19 4.70 19.56
C LYS A 112 -11.47 4.14 18.91
N GLY A 113 -12.04 3.11 19.54
CA GLY A 113 -13.25 2.51 19.03
C GLY A 113 -13.01 1.28 18.18
N MET A 114 -11.75 0.84 18.12
CA MET A 114 -11.41 -0.33 17.32
C MET A 114 -11.25 -1.59 18.15
N ARG A 115 -11.69 -2.71 17.61
CA ARG A 115 -11.57 -3.99 18.29
C ARG A 115 -10.08 -4.36 18.20
N PRO A 116 -9.39 -4.43 19.35
CA PRO A 116 -7.95 -4.77 19.37
C PRO A 116 -7.73 -6.27 19.26
N GLY A 117 -6.72 -6.65 18.50
CA GLY A 117 -6.40 -8.05 18.33
C GLY A 117 -4.90 -8.21 18.29
N VAL A 118 -4.42 -9.44 18.38
CA VAL A 118 -2.98 -9.71 18.34
C VAL A 118 -2.73 -10.95 17.50
N SER A 119 -1.53 -11.06 16.95
CA SER A 119 -1.19 -12.20 16.11
C SER A 119 0.21 -12.74 16.35
N LEU A 120 0.43 -14.01 16.03
CA LEU A 120 1.74 -14.60 16.23
C LEU A 120 2.17 -15.50 15.07
N ARG A 121 3.33 -15.17 14.51
CA ARG A 121 3.87 -15.92 13.39
C ARG A 121 3.95 -17.39 13.73
N PRO A 122 4.20 -18.26 12.73
CA PRO A 122 4.28 -19.69 13.02
C PRO A 122 5.20 -20.02 14.20
N GLY A 123 6.46 -19.62 14.09
CA GLY A 123 7.42 -19.94 15.13
C GLY A 123 7.37 -19.23 16.48
N THR A 124 6.20 -18.76 16.88
CA THR A 124 6.12 -18.07 18.18
C THR A 124 5.22 -18.82 19.17
N PRO A 125 5.83 -19.40 20.21
CA PRO A 125 5.12 -20.16 21.25
C PRO A 125 3.78 -19.51 21.56
N VAL A 126 2.72 -20.30 21.51
CA VAL A 126 1.39 -19.77 21.74
C VAL A 126 1.24 -19.12 23.11
N GLU A 127 1.91 -19.68 24.12
CA GLU A 127 1.84 -19.17 25.48
C GLU A 127 1.99 -17.66 25.56
N GLU A 128 2.85 -17.11 24.71
CA GLU A 128 3.11 -15.66 24.71
C GLU A 128 1.94 -14.69 24.65
N VAL A 129 0.76 -15.18 24.30
CA VAL A 129 -0.39 -14.30 24.21
C VAL A 129 -1.34 -14.35 25.41
N PHE A 130 -1.33 -15.45 26.13
CA PHE A 130 -2.21 -15.59 27.28
C PHE A 130 -2.19 -14.32 28.13
N PRO A 131 -1.00 -13.78 28.43
CA PRO A 131 -0.97 -12.56 29.23
C PRO A 131 -1.83 -11.45 28.63
N LEU A 132 -1.75 -11.33 27.31
CA LEU A 132 -2.52 -10.33 26.57
C LEU A 132 -3.98 -10.68 26.50
N VAL A 133 -4.27 -11.97 26.58
CA VAL A 133 -5.64 -12.43 26.51
C VAL A 133 -6.29 -12.33 27.88
N GLU A 134 -5.46 -12.20 28.90
CA GLU A 134 -5.96 -12.13 30.26
C GLU A 134 -5.98 -10.75 30.93
N ALA A 135 -5.26 -9.78 30.37
CA ALA A 135 -5.19 -8.43 30.92
C ALA A 135 -6.53 -7.77 31.25
N GLU A 136 -6.47 -6.67 32.02
CA GLU A 136 -7.66 -5.90 32.39
C GLU A 136 -8.35 -5.44 31.10
N ASN A 137 -7.57 -4.84 30.22
CA ASN A 137 -8.05 -4.37 28.92
C ASN A 137 -7.30 -5.29 27.98
N PRO A 138 -7.90 -6.46 27.66
CA PRO A 138 -7.30 -7.47 26.79
C PRO A 138 -7.64 -7.31 25.31
N VAL A 139 -6.97 -8.12 24.50
CA VAL A 139 -7.23 -8.12 23.08
C VAL A 139 -8.51 -8.93 23.00
N GLU A 140 -9.31 -8.70 21.96
CA GLU A 140 -10.57 -9.42 21.80
C GLU A 140 -10.53 -10.49 20.72
N LEU A 141 -9.38 -10.65 20.07
CA LEU A 141 -9.21 -11.64 19.01
C LEU A 141 -7.75 -11.98 18.88
N VAL A 142 -7.47 -13.22 18.50
CA VAL A 142 -6.11 -13.67 18.29
C VAL A 142 -6.02 -14.32 16.92
N LEU A 143 -5.08 -13.83 16.12
CA LEU A 143 -4.87 -14.35 14.78
C LEU A 143 -3.70 -15.29 14.75
N VAL A 144 -3.94 -16.49 14.27
CA VAL A 144 -2.90 -17.49 14.18
C VAL A 144 -2.43 -17.64 12.73
N MET A 145 -1.25 -17.12 12.45
CA MET A 145 -0.70 -17.22 11.12
C MET A 145 -0.59 -18.69 10.77
N THR A 146 -1.23 -19.09 9.68
CA THR A 146 -1.20 -20.49 9.25
C THR A 146 -0.14 -20.76 8.18
N VAL A 147 0.65 -19.74 7.88
CA VAL A 147 1.72 -19.85 6.89
C VAL A 147 2.77 -18.79 7.23
N GLU A 148 3.93 -18.85 6.60
CA GLU A 148 4.93 -17.81 6.86
C GLU A 148 4.42 -16.54 6.18
N PRO A 149 4.18 -15.48 6.97
CA PRO A 149 3.68 -14.19 6.50
C PRO A 149 4.55 -13.60 5.39
N GLY A 150 3.89 -13.19 4.30
CA GLY A 150 4.63 -12.64 3.18
C GLY A 150 3.77 -12.41 1.94
N PHE A 151 3.32 -13.50 1.31
CA PHE A 151 2.48 -13.37 0.12
C PHE A 151 1.38 -14.41 0.15
N GLY A 152 0.27 -14.09 -0.51
CA GLY A 152 -0.84 -15.04 -0.56
C GLY A 152 -0.44 -16.21 -1.44
N GLY A 153 -0.99 -17.40 -1.13
CA GLY A 153 -0.67 -18.56 -1.95
C GLY A 153 0.27 -19.61 -1.38
N GLN A 154 0.62 -19.51 -0.09
CA GLN A 154 1.50 -20.52 0.53
C GLN A 154 0.73 -21.74 1.05
N LYS A 155 1.48 -22.77 1.44
CA LYS A 155 0.90 -24.01 1.92
C LYS A 155 0.41 -23.97 3.37
N PHE A 156 -0.86 -24.33 3.55
CA PHE A 156 -1.49 -24.39 4.86
C PHE A 156 -0.60 -25.22 5.79
N MET A 157 -0.43 -24.75 7.03
CA MET A 157 0.38 -25.47 8.00
C MET A 157 -0.49 -26.04 9.12
N PRO A 158 -0.90 -27.30 9.00
CA PRO A 158 -1.74 -27.97 9.99
C PRO A 158 -1.17 -27.96 11.40
N GLU A 159 0.16 -28.03 11.52
CA GLU A 159 0.79 -28.01 12.83
C GLU A 159 0.27 -26.85 13.66
N MET A 160 0.17 -25.67 13.04
CA MET A 160 -0.32 -24.47 13.73
C MET A 160 -1.66 -24.67 14.44
N MET A 161 -2.40 -25.71 14.07
CA MET A 161 -3.68 -25.97 14.70
C MET A 161 -3.55 -26.21 16.20
N GLU A 162 -2.38 -26.68 16.64
CA GLU A 162 -2.14 -26.94 18.06
C GLU A 162 -2.38 -25.69 18.88
N LYS A 163 -2.10 -24.54 18.27
CA LYS A 163 -2.28 -23.25 18.91
C LYS A 163 -3.75 -22.88 18.99
N VAL A 164 -4.50 -23.23 17.94
CA VAL A 164 -5.93 -22.94 17.94
C VAL A 164 -6.61 -23.70 19.08
N ARG A 165 -6.44 -25.02 19.10
CA ARG A 165 -7.04 -25.84 20.15
C ARG A 165 -6.65 -25.31 21.52
N ALA A 166 -5.34 -25.15 21.75
CA ALA A 166 -4.85 -24.66 23.01
C ALA A 166 -5.62 -23.42 23.41
N LEU A 167 -5.69 -22.44 22.52
CA LEU A 167 -6.41 -21.20 22.81
C LEU A 167 -7.88 -21.46 23.15
N ARG A 168 -8.56 -22.14 22.23
CA ARG A 168 -9.97 -22.46 22.39
C ARG A 168 -10.30 -23.11 23.73
N LYS A 169 -9.39 -23.96 24.21
CA LYS A 169 -9.60 -24.63 25.48
C LYS A 169 -9.66 -23.61 26.62
N LYS A 170 -8.54 -22.91 26.87
CA LYS A 170 -8.47 -21.90 27.92
C LYS A 170 -9.53 -20.80 27.73
N TYR A 171 -9.74 -20.37 26.49
CA TYR A 171 -10.72 -19.33 26.24
C TYR A 171 -11.80 -19.83 25.29
N PRO A 172 -12.92 -20.32 25.86
CA PRO A 172 -14.08 -20.86 25.16
C PRO A 172 -14.83 -19.94 24.20
N SER A 173 -14.89 -18.65 24.51
CA SER A 173 -15.63 -17.72 23.64
C SER A 173 -14.80 -16.61 22.94
N LEU A 174 -13.48 -16.76 22.92
CA LEU A 174 -12.60 -15.79 22.28
C LEU A 174 -12.61 -15.96 20.74
N ASP A 175 -12.68 -14.86 20.00
CA ASP A 175 -12.64 -14.99 18.56
C ASP A 175 -11.23 -15.46 18.20
N ILE A 176 -11.14 -16.58 17.49
CA ILE A 176 -9.85 -17.10 17.07
C ILE A 176 -9.80 -17.01 15.55
N GLU A 177 -8.78 -16.36 15.02
CA GLU A 177 -8.71 -16.23 13.58
C GLU A 177 -7.52 -16.96 12.99
N VAL A 178 -7.77 -17.59 11.85
CA VAL A 178 -6.76 -18.34 11.11
C VAL A 178 -6.58 -17.64 9.78
N ASP A 179 -5.34 -17.35 9.42
CA ASP A 179 -5.09 -16.66 8.16
C ASP A 179 -3.96 -17.29 7.38
N GLY A 180 -4.29 -17.85 6.22
CA GLY A 180 -3.27 -18.47 5.39
C GLY A 180 -3.60 -19.86 4.87
N GLY A 181 -4.04 -19.93 3.62
CA GLY A 181 -4.34 -21.22 3.02
C GLY A 181 -5.73 -21.77 3.29
N LEU A 182 -6.50 -21.08 4.12
CA LEU A 182 -7.86 -21.52 4.44
C LEU A 182 -8.72 -21.62 3.20
N GLY A 183 -9.40 -22.75 3.07
CA GLY A 183 -10.28 -23.00 1.94
C GLY A 183 -11.06 -24.28 2.24
N PRO A 184 -11.87 -24.78 1.29
CA PRO A 184 -12.62 -25.99 1.59
C PRO A 184 -11.69 -27.12 2.07
N SER A 185 -10.67 -27.38 1.27
CA SER A 185 -9.69 -28.42 1.57
C SER A 185 -9.06 -28.37 2.96
N THR A 186 -9.09 -27.21 3.60
CA THR A 186 -8.48 -27.08 4.93
C THR A 186 -9.35 -26.48 6.02
N ILE A 187 -10.53 -25.98 5.65
CA ILE A 187 -11.43 -25.38 6.62
C ILE A 187 -11.78 -26.32 7.77
N ASP A 188 -12.13 -27.57 7.45
CA ASP A 188 -12.50 -28.53 8.48
C ASP A 188 -11.47 -28.79 9.57
N VAL A 189 -10.24 -29.09 9.18
CA VAL A 189 -9.21 -29.34 10.17
C VAL A 189 -9.07 -28.16 11.15
N ALA A 190 -9.35 -26.96 10.65
CA ALA A 190 -9.25 -25.73 11.44
C ALA A 190 -10.56 -25.45 12.16
N ALA A 191 -11.64 -25.94 11.60
CA ALA A 191 -12.95 -25.73 12.20
C ALA A 191 -13.05 -26.56 13.48
N SER A 192 -12.54 -27.79 13.40
CA SER A 192 -12.56 -28.70 14.54
C SER A 192 -11.59 -28.27 15.64
N ALA A 193 -10.53 -27.56 15.24
CA ALA A 193 -9.53 -27.08 16.19
C ALA A 193 -10.06 -25.99 17.10
N GLY A 194 -10.96 -25.15 16.58
CA GLY A 194 -11.51 -24.07 17.38
C GLY A 194 -11.59 -22.72 16.67
N ALA A 195 -11.05 -22.64 15.46
CA ALA A 195 -11.08 -21.40 14.68
C ALA A 195 -12.53 -21.07 14.36
N ASN A 196 -12.88 -19.79 14.47
CA ASN A 196 -14.25 -19.36 14.18
C ASN A 196 -14.24 -18.14 13.29
N CYS A 197 -13.04 -17.58 13.11
CA CYS A 197 -12.85 -16.41 12.25
C CYS A 197 -11.92 -16.88 11.17
N ILE A 198 -12.47 -17.09 9.99
CA ILE A 198 -11.68 -17.59 8.88
C ILE A 198 -11.35 -16.53 7.85
N VAL A 199 -10.08 -16.45 7.49
CA VAL A 199 -9.67 -15.50 6.48
C VAL A 199 -9.36 -16.31 5.23
N ALA A 200 -10.06 -16.02 4.13
CA ALA A 200 -9.84 -16.74 2.88
C ALA A 200 -9.34 -15.80 1.78
N GLY A 201 -8.40 -16.30 0.98
CA GLY A 201 -7.84 -15.51 -0.10
C GLY A 201 -8.17 -16.06 -1.47
N SER A 202 -7.25 -16.80 -2.07
CA SER A 202 -7.49 -17.36 -3.39
C SER A 202 -8.66 -18.34 -3.39
N SER A 203 -8.89 -18.99 -2.27
CA SER A 203 -9.99 -19.95 -2.20
C SER A 203 -11.33 -19.29 -2.46
N ILE A 204 -11.39 -17.96 -2.40
CA ILE A 204 -12.65 -17.24 -2.65
C ILE A 204 -12.59 -16.41 -3.93
N PHE A 205 -11.54 -15.60 -4.05
CA PHE A 205 -11.39 -14.73 -5.21
C PHE A 205 -10.95 -15.49 -6.46
N GLY A 206 -10.76 -16.80 -6.33
CA GLY A 206 -10.34 -17.58 -7.47
C GLY A 206 -11.28 -18.75 -7.69
N ALA A 207 -12.44 -18.67 -7.03
CA ALA A 207 -13.44 -19.72 -7.13
C ALA A 207 -14.49 -19.41 -8.21
N ALA A 208 -15.08 -20.46 -8.77
CA ALA A 208 -16.12 -20.29 -9.77
C ALA A 208 -17.39 -19.87 -9.04
N GLU A 209 -17.55 -20.38 -7.82
CA GLU A 209 -18.72 -20.07 -7.01
C GLU A 209 -18.29 -19.40 -5.69
N PRO A 210 -17.70 -18.18 -5.78
CA PRO A 210 -17.25 -17.46 -4.57
C PRO A 210 -18.29 -17.46 -3.44
N GLY A 211 -19.52 -17.10 -3.78
CA GLY A 211 -20.58 -17.08 -2.79
C GLY A 211 -20.70 -18.42 -2.11
N GLU A 212 -20.66 -19.49 -2.91
CA GLU A 212 -20.77 -20.84 -2.42
C GLU A 212 -19.67 -21.16 -1.41
N VAL A 213 -18.44 -20.84 -1.79
CA VAL A 213 -17.28 -21.07 -0.94
C VAL A 213 -17.45 -20.48 0.46
N ILE A 214 -17.95 -19.25 0.50
CA ILE A 214 -18.16 -18.59 1.77
C ILE A 214 -19.17 -19.40 2.53
N SER A 215 -20.25 -19.77 1.85
CA SER A 215 -21.29 -20.53 2.51
C SER A 215 -20.79 -21.86 3.04
N ALA A 216 -19.72 -22.39 2.43
CA ALA A 216 -19.16 -23.68 2.87
C ALA A 216 -18.22 -23.52 4.08
N LEU A 217 -17.49 -22.41 4.12
CA LEU A 217 -16.59 -22.17 5.23
C LEU A 217 -17.43 -21.97 6.49
N ARG A 218 -18.58 -21.31 6.35
CA ARG A 218 -19.45 -21.06 7.48
C ARG A 218 -20.01 -22.34 8.06
N LYS A 219 -20.63 -23.15 7.22
CA LYS A 219 -21.19 -24.44 7.66
C LYS A 219 -20.14 -25.20 8.45
N SER A 220 -18.97 -25.36 7.83
CA SER A 220 -17.88 -26.06 8.46
C SER A 220 -17.80 -25.66 9.92
N VAL A 221 -17.61 -24.37 10.15
CA VAL A 221 -17.47 -23.83 11.50
C VAL A 221 -18.68 -24.05 12.41
N GLU A 222 -19.88 -23.90 11.86
CA GLU A 222 -21.09 -24.10 12.64
C GLU A 222 -21.37 -25.57 12.91
N GLY A 223 -20.92 -26.43 12.00
CA GLY A 223 -21.10 -27.86 12.20
C GLY A 223 -20.03 -28.31 13.19
N SER A 224 -19.57 -27.36 14.00
CA SER A 224 -18.53 -27.56 15.03
C SER A 224 -18.93 -26.87 16.33
N GLN A 225 -19.46 -25.73 16.28
N ALA B 6 9.95 17.17 -24.04
CA ALA B 6 8.49 16.96 -24.28
C ALA B 6 7.75 17.14 -22.98
N ALA B 7 6.53 17.68 -23.04
CA ALA B 7 5.76 17.92 -21.82
C ALA B 7 5.06 16.65 -21.39
N LYS B 8 4.93 16.48 -20.09
CA LYS B 8 4.27 15.31 -19.51
C LYS B 8 3.52 15.70 -18.24
N ILE B 9 2.21 15.51 -18.26
CA ILE B 9 1.38 15.84 -17.10
C ILE B 9 0.89 14.57 -16.46
N ALA B 10 1.51 14.19 -15.36
CA ALA B 10 1.14 12.97 -14.65
C ALA B 10 0.45 13.25 -13.34
N PRO B 11 -0.85 12.96 -13.26
CA PRO B 11 -1.63 13.18 -12.04
C PRO B 11 -1.12 12.23 -10.97
N SER B 12 -1.22 12.64 -9.72
CA SER B 12 -0.74 11.81 -8.63
C SER B 12 -1.92 11.04 -8.09
N MET B 13 -2.02 9.78 -8.48
CA MET B 13 -3.11 8.89 -8.06
C MET B 13 -3.33 8.84 -6.55
N LEU B 14 -2.36 9.38 -5.81
CA LEU B 14 -2.42 9.42 -4.36
C LEU B 14 -3.55 10.30 -3.84
N SER B 15 -3.98 11.26 -4.66
CA SER B 15 -5.05 12.16 -4.27
C SER B 15 -6.38 11.72 -4.89
N SER B 16 -6.42 10.49 -5.40
CA SER B 16 -7.62 9.97 -6.04
C SER B 16 -8.42 9.02 -5.15
N ASP B 17 -9.59 8.63 -5.65
CA ASP B 17 -10.47 7.71 -4.94
C ASP B 17 -9.85 6.33 -5.04
N PHE B 18 -9.04 5.95 -4.06
CA PHE B 18 -8.39 4.65 -4.06
C PHE B 18 -9.32 3.45 -4.20
N ALA B 19 -10.54 3.59 -3.71
CA ALA B 19 -11.51 2.52 -3.82
C ALA B 19 -11.87 2.28 -5.29
N ASN B 20 -11.56 3.27 -6.14
CA ASN B 20 -11.86 3.20 -7.57
C ASN B 20 -10.70 3.51 -8.53
N LEU B 21 -9.50 3.01 -8.23
CA LEU B 21 -8.34 3.26 -9.09
C LEU B 21 -8.63 3.06 -10.57
N ALA B 22 -9.07 1.85 -10.92
CA ALA B 22 -9.38 1.54 -12.30
C ALA B 22 -10.17 2.69 -12.90
N ALA B 23 -11.23 3.08 -12.21
CA ALA B 23 -12.08 4.17 -12.64
C ALA B 23 -11.22 5.42 -12.82
N GLU B 24 -10.77 5.98 -11.70
CA GLU B 24 -9.94 7.19 -11.68
C GLU B 24 -8.84 7.25 -12.76
N ALA B 25 -8.06 6.18 -12.86
CA ALA B 25 -6.98 6.10 -13.83
C ALA B 25 -7.49 6.28 -15.26
N ASP B 26 -8.54 5.56 -15.61
CA ASP B 26 -9.12 5.65 -16.94
C ASP B 26 -9.68 7.04 -17.18
N ARG B 27 -10.17 7.67 -16.13
CA ARG B 27 -10.73 9.01 -16.24
C ARG B 27 -9.70 10.08 -16.50
N MET B 28 -8.50 9.89 -15.98
CA MET B 28 -7.43 10.86 -16.16
C MET B 28 -6.88 10.87 -17.58
N VAL B 29 -6.81 9.69 -18.19
CA VAL B 29 -6.32 9.60 -19.55
C VAL B 29 -7.31 10.34 -20.43
N ARG B 30 -8.58 10.01 -20.23
CA ARG B 30 -9.69 10.60 -20.94
C ARG B 30 -9.52 12.13 -20.93
N LEU B 31 -9.22 12.69 -19.76
CA LEU B 31 -9.02 14.13 -19.60
C LEU B 31 -7.65 14.60 -20.04
N GLY B 32 -6.75 13.67 -20.37
CA GLY B 32 -5.43 14.09 -20.84
C GLY B 32 -4.19 13.62 -20.14
N ALA B 33 -4.33 12.86 -19.08
CA ALA B 33 -3.16 12.37 -18.36
C ALA B 33 -2.17 11.66 -19.29
N ASP B 34 -0.92 12.08 -19.26
CA ASP B 34 0.10 11.44 -20.07
C ASP B 34 0.59 10.21 -19.31
N TRP B 35 0.82 10.40 -18.00
CA TRP B 35 1.26 9.34 -17.09
C TRP B 35 0.42 9.36 -15.83
N LEU B 36 0.59 8.35 -15.00
CA LEU B 36 -0.13 8.24 -13.73
C LEU B 36 0.95 8.12 -12.65
N HIS B 37 1.09 9.13 -11.81
CA HIS B 37 2.13 9.10 -10.79
C HIS B 37 1.71 8.27 -9.56
N MET B 38 2.42 7.18 -9.34
CA MET B 38 2.15 6.28 -8.22
C MET B 38 3.20 6.43 -7.13
N ASP B 39 2.79 6.92 -5.96
CA ASP B 39 3.72 7.08 -4.84
C ASP B 39 3.65 5.89 -3.88
N ILE B 40 4.73 5.13 -3.87
CA ILE B 40 4.88 3.93 -3.07
C ILE B 40 5.74 4.26 -1.85
N MET B 41 5.14 4.33 -0.66
CA MET B 41 5.88 4.67 0.57
C MET B 41 5.76 3.57 1.62
N ASP B 42 6.87 3.16 2.23
CA ASP B 42 6.81 2.09 3.22
C ASP B 42 6.73 2.50 4.68
N GLY B 43 6.46 3.78 4.95
CA GLY B 43 6.36 4.22 6.33
C GLY B 43 7.69 4.34 7.05
N HIS B 44 8.75 3.79 6.49
CA HIS B 44 10.06 3.86 7.12
C HIS B 44 10.96 4.95 6.52
N PHE B 45 10.82 5.20 5.23
CA PHE B 45 11.63 6.24 4.60
C PHE B 45 10.92 7.55 4.83
N VAL B 46 9.61 7.46 5.02
CA VAL B 46 8.75 8.62 5.29
C VAL B 46 7.62 8.13 6.19
N PRO B 47 7.28 8.91 7.23
CA PRO B 47 6.21 8.52 8.15
C PRO B 47 4.86 8.31 7.48
N ASN B 48 4.81 7.38 6.53
CA ASN B 48 3.56 7.09 5.84
C ASN B 48 3.66 5.87 4.94
N LEU B 49 2.57 5.12 4.87
CA LEU B 49 2.51 3.91 4.08
C LEU B 49 1.32 4.05 3.15
N THR B 50 1.58 4.01 1.85
CA THR B 50 0.54 4.17 0.83
C THR B 50 0.13 2.88 0.10
N ILE B 51 0.84 2.57 -0.97
CA ILE B 51 0.55 1.38 -1.78
C ILE B 51 1.83 0.68 -2.25
N GLY B 52 1.75 -0.62 -2.50
CA GLY B 52 2.92 -1.34 -2.94
C GLY B 52 2.73 -2.03 -4.28
N ALA B 53 3.60 -2.98 -4.60
CA ALA B 53 3.51 -3.69 -5.87
C ALA B 53 2.12 -4.22 -6.16
N PRO B 54 1.61 -5.14 -5.31
CA PRO B 54 0.28 -5.70 -5.52
C PRO B 54 -0.68 -4.73 -6.22
N VAL B 55 -0.89 -3.58 -5.61
CA VAL B 55 -1.78 -2.59 -6.18
C VAL B 55 -1.41 -2.39 -7.63
N ILE B 56 -0.22 -1.81 -7.85
CA ILE B 56 0.30 -1.54 -9.18
C ILE B 56 -0.08 -2.63 -10.16
N GLN B 57 0.13 -3.88 -9.75
CA GLN B 57 -0.17 -5.00 -10.60
C GLN B 57 -1.66 -5.04 -11.00
N SER B 58 -2.56 -5.06 -10.02
CA SER B 58 -3.98 -5.13 -10.32
C SER B 58 -4.38 -4.02 -11.26
N LEU B 59 -3.75 -2.87 -11.11
CA LEU B 59 -4.06 -1.71 -11.94
C LEU B 59 -3.57 -1.87 -13.36
N ARG B 60 -2.51 -2.64 -13.55
CA ARG B 60 -2.00 -2.85 -14.90
C ARG B 60 -2.96 -3.70 -15.74
N LYS B 61 -3.75 -4.52 -15.07
CA LYS B 61 -4.72 -5.38 -15.75
C LYS B 61 -5.91 -4.57 -16.23
N HIS B 62 -5.89 -3.26 -15.99
CA HIS B 62 -6.99 -2.38 -16.41
C HIS B 62 -6.61 -1.23 -17.32
N THR B 63 -5.35 -0.82 -17.34
CA THR B 63 -4.95 0.26 -18.24
C THR B 63 -3.55 0.14 -18.82
N LYS B 64 -3.37 0.67 -20.01
CA LYS B 64 -2.09 0.60 -20.68
C LYS B 64 -1.29 1.88 -20.48
N ALA B 65 -1.86 2.80 -19.72
CA ALA B 65 -1.21 4.08 -19.44
C ALA B 65 0.19 3.87 -18.88
N TYR B 66 1.00 4.91 -18.92
CA TYR B 66 2.35 4.83 -18.40
C TYR B 66 2.19 4.91 -16.87
N LEU B 67 2.80 4.00 -16.14
CA LEU B 67 2.71 4.06 -14.69
C LEU B 67 4.04 4.54 -14.13
N ASP B 68 4.10 5.82 -13.76
CA ASP B 68 5.32 6.41 -13.22
C ASP B 68 5.46 6.11 -11.74
N CYS B 69 6.28 5.13 -11.42
CA CYS B 69 6.47 4.74 -10.03
C CYS B 69 7.61 5.43 -9.30
N HIS B 70 7.22 6.22 -8.30
CA HIS B 70 8.11 6.98 -7.44
C HIS B 70 8.31 6.16 -6.15
N LEU B 71 9.48 5.53 -6.04
CA LEU B 71 9.83 4.65 -4.91
C LEU B 71 10.39 5.28 -3.64
N MET B 72 9.50 5.70 -2.75
CA MET B 72 9.89 6.27 -1.47
C MET B 72 9.93 5.17 -0.42
N VAL B 73 10.92 4.29 -0.58
CA VAL B 73 11.13 3.15 0.32
C VAL B 73 12.59 3.20 0.72
N THR B 74 12.99 2.29 1.61
CA THR B 74 14.38 2.28 2.04
C THR B 74 15.16 1.23 1.24
N ASN B 75 14.55 0.08 1.03
CA ASN B 75 15.18 -1.00 0.29
C ASN B 75 14.59 -1.09 -1.12
N PRO B 76 14.92 -0.12 -1.97
CA PRO B 76 14.44 -0.05 -3.35
C PRO B 76 14.82 -1.24 -4.22
N SER B 77 16.08 -1.65 -4.17
CA SER B 77 16.49 -2.79 -4.99
C SER B 77 15.53 -3.97 -4.84
N ASP B 78 14.93 -4.09 -3.67
CA ASP B 78 14.00 -5.18 -3.39
C ASP B 78 12.63 -5.01 -4.01
N TYR B 79 12.39 -3.89 -4.69
CA TYR B 79 11.10 -3.66 -5.32
C TYR B 79 11.21 -3.77 -6.83
N VAL B 80 12.44 -3.71 -7.34
CA VAL B 80 12.66 -3.77 -8.78
C VAL B 80 12.02 -4.99 -9.41
N GLU B 81 12.25 -6.16 -8.83
CA GLU B 81 11.69 -7.40 -9.36
C GLU B 81 10.16 -7.38 -9.37
N PRO B 82 9.52 -7.20 -8.20
CA PRO B 82 8.06 -7.17 -8.13
C PRO B 82 7.38 -6.10 -9.01
N LEU B 83 7.88 -4.87 -8.97
CA LEU B 83 7.26 -3.82 -9.76
C LEU B 83 7.35 -4.14 -11.25
N ALA B 84 8.45 -4.73 -11.65
CA ALA B 84 8.62 -5.09 -13.05
C ALA B 84 7.48 -6.00 -13.45
N LYS B 85 7.31 -7.08 -12.70
CA LYS B 85 6.26 -8.04 -12.96
C LYS B 85 4.92 -7.36 -12.90
N ALA B 86 4.74 -6.50 -11.91
CA ALA B 86 3.48 -5.77 -11.75
C ALA B 86 3.15 -4.96 -13.01
N GLY B 87 4.18 -4.45 -13.68
CA GLY B 87 3.94 -3.69 -14.90
C GLY B 87 4.25 -2.20 -14.82
N ALA B 88 5.09 -1.80 -13.88
CA ALA B 88 5.42 -0.40 -13.76
C ALA B 88 6.11 0.05 -15.02
N SER B 89 5.85 1.28 -15.43
CA SER B 89 6.49 1.79 -16.63
C SER B 89 7.76 2.52 -16.26
N GLY B 90 7.69 3.28 -15.18
CA GLY B 90 8.85 4.04 -14.73
C GLY B 90 9.18 3.75 -13.30
N PHE B 91 10.46 3.49 -13.04
CA PHE B 91 10.94 3.19 -11.71
C PHE B 91 11.87 4.33 -11.28
N THR B 92 11.49 5.07 -10.24
CA THR B 92 12.28 6.20 -9.76
C THR B 92 12.68 6.00 -8.30
N PHE B 93 13.99 5.97 -8.03
CA PHE B 93 14.49 5.76 -6.68
C PHE B 93 15.04 7.03 -6.02
N HIS B 94 15.33 6.96 -4.73
CA HIS B 94 15.86 8.12 -4.00
C HIS B 94 17.34 8.10 -3.73
N ILE B 95 18.02 9.12 -4.24
CA ILE B 95 19.46 9.23 -4.08
C ILE B 95 19.96 9.01 -2.64
N GLU B 96 19.15 9.40 -1.66
CA GLU B 96 19.51 9.23 -0.25
C GLU B 96 19.80 7.77 0.09
N VAL B 97 18.82 6.90 -0.15
CA VAL B 97 18.99 5.48 0.18
C VAL B 97 19.72 4.70 -0.90
N SER B 98 19.77 5.25 -2.10
CA SER B 98 20.42 4.57 -3.21
C SER B 98 21.93 4.83 -3.27
N ARG B 99 22.48 5.33 -2.16
CA ARG B 99 23.91 5.62 -2.13
C ARG B 99 24.79 4.35 -2.15
N ASP B 100 25.64 4.26 -3.18
CA ASP B 100 26.59 3.16 -3.43
C ASP B 100 26.20 2.05 -4.42
N ASN B 101 25.00 2.13 -5.00
CA ASN B 101 24.57 1.09 -5.94
C ASN B 101 23.79 1.68 -7.11
N TRP B 102 23.68 3.00 -7.15
CA TRP B 102 22.95 3.62 -8.22
C TRP B 102 23.35 3.01 -9.55
N GLN B 103 24.63 2.78 -9.76
CA GLN B 103 25.07 2.19 -11.01
C GLN B 103 24.45 0.83 -11.25
N GLU B 104 24.49 -0.04 -10.24
CA GLU B 104 23.93 -1.38 -10.37
C GLU B 104 22.41 -1.32 -10.40
N LEU B 105 21.85 -0.41 -9.61
CA LEU B 105 20.41 -0.24 -9.53
C LEU B 105 19.82 0.22 -10.85
N ILE B 106 20.39 1.28 -11.40
CA ILE B 106 19.93 1.80 -12.67
C ILE B 106 19.95 0.68 -13.69
N GLN B 107 20.93 -0.20 -13.58
CA GLN B 107 21.03 -1.28 -14.53
C GLN B 107 19.99 -2.35 -14.31
N SER B 108 19.67 -2.62 -13.06
CA SER B 108 18.69 -3.65 -12.78
C SER B 108 17.37 -3.19 -13.32
N ILE B 109 17.05 -1.93 -13.00
CA ILE B 109 15.79 -1.31 -13.44
C ILE B 109 15.68 -1.41 -14.94
N LYS B 110 16.65 -0.83 -15.61
CA LYS B 110 16.70 -0.81 -17.07
C LYS B 110 16.52 -2.19 -17.67
N ALA B 111 17.37 -3.12 -17.25
CA ALA B 111 17.33 -4.50 -17.74
C ALA B 111 15.99 -5.21 -17.53
N LYS B 112 15.06 -4.55 -16.84
CA LYS B 112 13.73 -5.12 -16.59
C LYS B 112 12.69 -4.47 -17.50
N GLY B 113 13.13 -3.47 -18.27
CA GLY B 113 12.25 -2.79 -19.19
C GLY B 113 11.61 -1.52 -18.68
N MET B 114 11.99 -1.10 -17.47
CA MET B 114 11.43 0.11 -16.89
C MET B 114 12.37 1.29 -17.08
N ARG B 115 11.80 2.48 -17.18
CA ARG B 115 12.57 3.69 -17.37
C ARG B 115 13.06 4.04 -15.97
N PRO B 116 14.38 4.02 -15.76
CA PRO B 116 14.97 4.32 -14.45
C PRO B 116 15.07 5.82 -14.17
N GLY B 117 14.70 6.22 -12.95
CA GLY B 117 14.77 7.61 -12.58
C GLY B 117 15.29 7.74 -11.18
N VAL B 118 15.66 8.94 -10.77
CA VAL B 118 16.17 9.16 -9.43
C VAL B 118 15.55 10.43 -8.88
N SER B 119 15.49 10.55 -7.55
CA SER B 119 14.88 11.70 -6.91
C SER B 119 15.68 12.23 -5.74
N LEU B 120 15.52 13.50 -5.39
CA LEU B 120 16.25 14.05 -4.26
C LEU B 120 15.40 14.99 -3.41
N ARG B 121 15.32 14.67 -2.12
CA ARG B 121 14.54 15.46 -1.20
C ARG B 121 14.97 16.91 -1.24
N PRO B 122 14.20 17.81 -0.61
CA PRO B 122 14.59 19.21 -0.65
C PRO B 122 16.03 19.45 -0.26
N GLY B 123 16.39 19.06 0.94
CA GLY B 123 17.74 19.30 1.43
C GLY B 123 18.91 18.51 0.87
N THR B 124 18.82 18.05 -0.38
CA THR B 124 19.91 17.29 -0.96
C THR B 124 20.56 18.00 -2.13
N PRO B 125 21.81 18.48 -1.96
CA PRO B 125 22.52 19.18 -3.02
C PRO B 125 22.23 18.58 -4.39
N VAL B 126 21.83 19.41 -5.32
CA VAL B 126 21.52 18.90 -6.65
C VAL B 126 22.72 18.18 -7.25
N GLU B 127 23.93 18.71 -7.06
CA GLU B 127 25.13 18.11 -7.64
C GLU B 127 25.19 16.60 -7.53
N GLU B 128 24.66 16.06 -6.43
CA GLU B 128 24.67 14.63 -6.20
C GLU B 128 24.14 13.69 -7.27
N VAL B 129 23.39 14.22 -8.24
CA VAL B 129 22.83 13.37 -9.27
C VAL B 129 23.58 13.39 -10.61
N PHE B 130 24.32 14.45 -10.86
CA PHE B 130 25.07 14.56 -12.10
C PHE B 130 25.79 13.26 -12.43
N PRO B 131 26.47 12.65 -11.45
CA PRO B 131 27.17 11.40 -11.73
C PRO B 131 26.22 10.35 -12.31
N LEU B 132 25.02 10.29 -11.74
CA LEU B 132 23.98 9.34 -12.17
C LEU B 132 23.34 9.73 -13.47
N VAL B 133 23.40 11.01 -13.79
CA VAL B 133 22.81 11.49 -15.02
C VAL B 133 23.80 11.31 -16.14
N GLU B 134 25.08 11.19 -15.80
CA GLU B 134 26.15 11.05 -16.79
C GLU B 134 26.71 9.62 -17.00
N ALA B 135 26.35 8.68 -16.15
CA ALA B 135 26.84 7.29 -16.27
C ALA B 135 26.63 6.65 -17.63
N GLU B 136 27.27 5.50 -17.86
CA GLU B 136 27.14 4.75 -19.12
C GLU B 136 25.68 4.37 -19.28
N ASN B 137 25.11 3.80 -18.23
CA ASN B 137 23.70 3.42 -18.19
C ASN B 137 23.19 4.39 -17.15
N PRO B 138 22.70 5.55 -17.58
CA PRO B 138 22.19 6.59 -16.67
C PRO B 138 20.71 6.52 -16.39
N VAL B 139 20.24 7.39 -15.52
CA VAL B 139 18.83 7.45 -15.19
C VAL B 139 18.30 8.26 -16.35
N GLU B 140 17.00 8.15 -16.63
CA GLU B 140 16.43 8.89 -17.74
C GLU B 140 15.49 10.01 -17.31
N LEU B 141 15.38 10.20 -16.00
CA LEU B 141 14.53 11.24 -15.44
C LEU B 141 14.99 11.56 -14.04
N VAL B 142 14.82 12.80 -13.64
CA VAL B 142 15.19 13.22 -12.31
C VAL B 142 14.01 13.92 -11.66
N LEU B 143 13.59 13.43 -10.52
CA LEU B 143 12.47 14.03 -9.83
C LEU B 143 12.96 14.97 -8.75
N VAL B 144 12.43 16.19 -8.75
CA VAL B 144 12.81 17.18 -7.76
C VAL B 144 11.68 17.41 -6.78
N MET B 145 11.84 16.87 -5.57
CA MET B 145 10.83 17.05 -4.55
C MET B 145 10.67 18.55 -4.35
N THR B 146 9.43 19.02 -4.45
CA THR B 146 9.11 20.43 -4.28
C THR B 146 8.52 20.71 -2.90
N VAL B 147 8.48 19.68 -2.05
CA VAL B 147 7.98 19.81 -0.68
C VAL B 147 8.63 18.69 0.12
N GLU B 148 8.48 18.72 1.44
CA GLU B 148 9.04 17.65 2.27
C GLU B 148 8.14 16.44 2.03
N PRO B 149 8.72 15.34 1.56
CA PRO B 149 8.02 14.08 1.26
C PRO B 149 7.27 13.52 2.48
N GLY B 150 6.00 13.19 2.28
CA GLY B 150 5.21 12.65 3.39
C GLY B 150 3.73 12.53 3.07
N PHE B 151 3.07 13.67 2.86
CA PHE B 151 1.65 13.64 2.54
C PHE B 151 1.32 14.72 1.50
N GLY B 152 0.24 14.50 0.75
CA GLY B 152 -0.17 15.46 -0.25
C GLY B 152 -0.79 16.67 0.44
N GLY B 153 -0.64 17.85 -0.17
CA GLY B 153 -1.20 19.06 0.42
C GLY B 153 -0.25 20.05 1.07
N GLN B 154 1.06 19.87 0.88
CA GLN B 154 2.02 20.80 1.47
C GLN B 154 2.28 22.01 0.56
N LYS B 155 2.98 23.01 1.12
CA LYS B 155 3.28 24.24 0.41
C LYS B 155 4.45 24.13 -0.57
N PHE B 156 4.18 24.54 -1.81
CA PHE B 156 5.17 24.53 -2.88
C PHE B 156 6.41 25.27 -2.42
N MET B 157 7.57 24.73 -2.74
CA MET B 157 8.82 25.38 -2.35
C MET B 157 9.51 25.88 -3.59
N PRO B 158 9.36 27.17 -3.90
CA PRO B 158 9.97 27.79 -5.07
C PRO B 158 11.49 27.69 -5.05
N GLU B 159 12.09 27.72 -3.86
CA GLU B 159 13.55 27.63 -3.77
C GLU B 159 14.06 26.44 -4.58
N MET B 160 13.36 25.32 -4.47
CA MET B 160 13.74 24.10 -5.16
C MET B 160 13.88 24.27 -6.66
N MET B 161 13.39 25.38 -7.20
CA MET B 161 13.51 25.61 -8.63
C MET B 161 14.97 25.75 -9.06
N GLU B 162 15.81 26.22 -8.14
CA GLU B 162 17.23 26.39 -8.44
C GLU B 162 17.80 25.11 -9.02
N LYS B 163 17.30 23.99 -8.53
CA LYS B 163 17.73 22.67 -8.96
C LYS B 163 17.23 22.37 -10.36
N VAL B 164 16.00 22.76 -10.65
CA VAL B 164 15.45 22.50 -11.97
C VAL B 164 16.28 23.22 -13.02
N ARG B 165 16.49 24.52 -12.82
CA ARG B 165 17.26 25.32 -13.76
C ARG B 165 18.63 24.73 -13.97
N ALA B 166 19.32 24.46 -12.86
CA ALA B 166 20.66 23.88 -12.89
C ALA B 166 20.69 22.65 -13.78
N LEU B 167 19.78 21.72 -13.53
CA LEU B 167 19.68 20.49 -14.30
C LEU B 167 19.43 20.77 -15.78
N ARG B 168 18.37 21.52 -16.04
CA ARG B 168 18.00 21.86 -17.40
C ARG B 168 19.13 22.45 -18.21
N LYS B 169 19.99 23.23 -17.55
CA LYS B 169 21.13 23.86 -18.22
C LYS B 169 22.12 22.80 -18.71
N LYS B 170 22.68 22.02 -17.78
CA LYS B 170 23.64 20.97 -18.13
C LYS B 170 23.04 19.91 -19.05
N TYR B 171 21.79 19.56 -18.79
CA TYR B 171 21.09 18.54 -19.56
C TYR B 171 19.84 19.16 -20.18
N PRO B 172 19.97 19.62 -21.43
CA PRO B 172 18.93 20.25 -22.22
C PRO B 172 17.71 19.41 -22.57
N SER B 173 17.89 18.09 -22.70
CA SER B 173 16.76 17.23 -23.07
C SER B 173 16.34 16.15 -22.07
N LEU B 174 16.81 16.26 -20.83
CA LEU B 174 16.48 15.29 -19.78
C LEU B 174 15.08 15.54 -19.21
N ASP B 175 14.29 14.49 -19.00
CA ASP B 175 12.97 14.70 -18.41
C ASP B 175 13.22 15.14 -16.99
N ILE B 176 12.66 16.30 -16.62
CA ILE B 176 12.81 16.82 -15.28
C ILE B 176 11.43 16.82 -14.65
N GLU B 177 11.28 16.13 -13.53
CA GLU B 177 9.98 16.06 -12.91
C GLU B 177 9.92 16.83 -11.59
N VAL B 178 8.79 17.50 -11.38
CA VAL B 178 8.54 18.27 -10.16
C VAL B 178 7.34 17.62 -9.49
N ASP B 179 7.43 17.37 -8.20
CA ASP B 179 6.34 16.72 -7.47
C ASP B 179 6.12 17.40 -6.13
N GLY B 180 4.95 18.02 -5.98
CA GLY B 180 4.63 18.66 -4.73
C GLY B 180 4.06 20.06 -4.86
N GLY B 181 2.74 20.17 -4.74
CA GLY B 181 2.10 21.47 -4.82
C GLY B 181 1.92 22.06 -6.19
N LEU B 182 2.31 21.32 -7.23
CA LEU B 182 2.15 21.83 -8.59
C LEU B 182 0.69 22.01 -8.91
N GLY B 183 0.38 23.15 -9.51
CA GLY B 183 -0.98 23.50 -9.91
C GLY B 183 -0.93 24.76 -10.74
N PRO B 184 -2.08 25.33 -11.13
CA PRO B 184 -2.03 26.56 -11.93
C PRO B 184 -1.16 27.60 -11.23
N SER B 185 -1.51 27.90 -9.99
CA SER B 185 -0.78 28.87 -9.19
C SER B 185 0.74 28.77 -9.17
N THR B 186 1.29 27.59 -9.46
CA THR B 186 2.73 27.39 -9.39
C THR B 186 3.37 26.77 -10.63
N ILE B 187 2.54 26.30 -11.56
CA ILE B 187 3.08 25.66 -12.76
C ILE B 187 4.07 26.54 -13.50
N ASP B 188 3.72 27.80 -13.72
CA ASP B 188 4.59 28.71 -14.45
C ASP B 188 6.00 28.88 -13.92
N VAL B 189 6.12 29.14 -12.63
CA VAL B 189 7.44 29.34 -12.04
C VAL B 189 8.31 28.13 -12.29
N ALA B 190 7.68 26.97 -12.33
CA ALA B 190 8.38 25.71 -12.55
C ALA B 190 8.58 25.44 -14.03
N ALA B 191 7.62 25.88 -14.84
CA ALA B 191 7.69 25.67 -16.26
C ALA B 191 8.88 26.44 -16.82
N SER B 192 9.03 27.68 -16.35
CA SER B 192 10.12 28.55 -16.79
C SER B 192 11.45 28.05 -16.31
N ALA B 193 11.45 27.33 -15.19
CA ALA B 193 12.69 26.80 -14.60
C ALA B 193 13.26 25.66 -15.44
N GLY B 194 12.39 24.88 -16.07
CA GLY B 194 12.87 23.77 -16.89
C GLY B 194 12.08 22.49 -16.75
N ALA B 195 11.20 22.43 -15.74
CA ALA B 195 10.39 21.25 -15.51
C ALA B 195 9.51 20.97 -16.71
N ASN B 196 9.39 19.70 -17.10
CA ASN B 196 8.58 19.33 -18.24
C ASN B 196 7.69 18.17 -17.90
N CYS B 197 7.94 17.57 -16.73
CA CYS B 197 7.14 16.45 -16.25
C CYS B 197 6.55 16.98 -14.98
N ILE B 198 5.25 17.22 -15.00
CA ILE B 198 4.59 17.77 -13.85
C ILE B 198 3.68 16.76 -13.17
N VAL B 199 3.81 16.67 -11.86
CA VAL B 199 2.99 15.76 -11.07
C VAL B 199 2.02 16.62 -10.28
N ALA B 200 0.73 16.42 -10.55
CA ALA B 200 -0.32 17.18 -9.88
C ALA B 200 -1.21 16.31 -9.01
N GLY B 201 -1.52 16.80 -7.81
CA GLY B 201 -2.36 16.05 -6.90
C GLY B 201 -3.73 16.67 -6.69
N SER B 202 -3.88 17.44 -5.62
CA SER B 202 -5.16 18.07 -5.33
C SER B 202 -5.54 19.08 -6.40
N SER B 203 -4.56 19.67 -7.08
CA SER B 203 -4.85 20.65 -8.11
C SER B 203 -5.63 20.03 -9.26
N ILE B 204 -5.68 18.70 -9.32
CA ILE B 204 -6.43 18.02 -10.39
C ILE B 204 -7.64 17.24 -9.87
N PHE B 205 -7.41 16.44 -8.84
CA PHE B 205 -8.47 15.63 -8.26
C PHE B 205 -9.43 16.42 -7.38
N GLY B 206 -9.19 17.72 -7.25
CA GLY B 206 -10.06 18.52 -6.42
C GLY B 206 -10.51 19.73 -7.20
N ALA B 207 -10.34 19.68 -8.51
CA ALA B 207 -10.73 20.78 -9.37
C ALA B 207 -12.13 20.56 -9.93
N ALA B 208 -12.79 21.64 -10.32
CA ALA B 208 -14.14 21.58 -10.91
C ALA B 208 -13.97 21.18 -12.36
N GLU B 209 -12.87 21.61 -12.96
CA GLU B 209 -12.59 21.27 -14.35
C GLU B 209 -11.25 20.52 -14.45
N PRO B 210 -11.15 19.33 -13.83
CA PRO B 210 -9.92 18.54 -13.86
C PRO B 210 -9.30 18.50 -15.24
N GLY B 211 -10.13 18.22 -16.24
CA GLY B 211 -9.64 18.14 -17.61
C GLY B 211 -8.97 19.45 -18.00
N GLU B 212 -9.64 20.55 -17.67
CA GLU B 212 -9.11 21.87 -17.96
C GLU B 212 -7.75 22.10 -17.32
N VAL B 213 -7.64 21.75 -16.03
CA VAL B 213 -6.40 21.91 -15.28
C VAL B 213 -5.24 21.27 -15.99
N ILE B 214 -5.44 20.05 -16.46
CA ILE B 214 -4.39 19.32 -17.16
C ILE B 214 -3.98 20.07 -18.43
N SER B 215 -4.97 20.56 -19.14
CA SER B 215 -4.71 21.28 -20.37
C SER B 215 -3.94 22.57 -20.09
N ALA B 216 -4.09 23.10 -18.87
CA ALA B 216 -3.43 24.33 -18.48
C ALA B 216 -1.97 24.12 -18.08
N LEU B 217 -1.70 23.00 -17.41
CA LEU B 217 -0.35 22.66 -16.99
C LEU B 217 0.48 22.44 -18.24
N ARG B 218 -0.09 21.75 -19.22
CA ARG B 218 0.61 21.48 -20.47
C ARG B 218 0.99 22.77 -21.21
N LYS B 219 0.02 23.65 -21.45
CA LYS B 219 0.30 24.90 -22.15
C LYS B 219 1.43 25.61 -21.45
N SER B 220 1.31 25.75 -20.14
CA SER B 220 2.34 26.42 -19.37
C SER B 220 3.70 25.95 -19.87
N VAL B 221 3.95 24.65 -19.75
CA VAL B 221 5.20 24.03 -20.16
C VAL B 221 5.60 24.27 -21.61
N GLU B 222 4.66 24.10 -22.53
CA GLU B 222 4.94 24.31 -23.95
C GLU B 222 5.18 25.78 -24.25
N GLY B 223 4.49 26.64 -23.52
CA GLY B 223 4.68 28.06 -23.73
C GLY B 223 6.03 28.44 -23.16
N SER B 224 6.90 27.44 -23.03
CA SER B 224 8.26 27.57 -22.50
C SER B 224 9.32 26.87 -23.37
N GLN B 225 9.05 25.74 -23.85
#